data_4P91
#
_entry.id   4P91
#
_cell.length_a   56.759
_cell.length_b   129.155
_cell.length_c   57.020
_cell.angle_alpha   90.00
_cell.angle_beta   90.00
_cell.angle_gamma   90.00
#
_symmetry.space_group_name_H-M   'P 21 21 21'
#
loop_
_entity.id
_entity.type
_entity.pdbx_description
1 polymer 'Reticulon-4 receptor-like 2'
2 branched 2-acetamido-2-deoxy-beta-D-glucopyranose-(1-4)-2-acetamido-2-deoxy-beta-D-glucopyranose
3 non-polymer 2-acetamido-2-deoxy-beta-D-glucopyranose
4 water water
#
_entity_poly.entity_id   1
_entity_poly.type   'polypeptide(L)'
_entity_poly.pdbx_seq_one_letter_code
;PSCPMLCTCYSSPPTVSCQANNFSSVPLSLPPSTQRLFLQNNLIRSLRPGTFGPNLLTLWLFSNNLSTIYPGTFRHLQAL
EELDLGDNRHLRSLEPDTFQGLERLQSLHLYRCQLSSLPGNIFRGLVSLQYLYLQENSLLHLQDDLFADLANLSHLFLHG
NRLRLLTEHVFRGLGSLDRLLLHGNRLQGVHRAAFHGLSRLTILYLFNNSLASLPGEALADLPALEFLRLNANPWACDCR
ARPLWAWFQRARVSSSDVTCATPPERQGRDLRTLRDTDFQACPPPTPTRPGSRARGNSSSNH
;
_entity_poly.pdbx_strand_id   A
#
loop_
_chem_comp.id
_chem_comp.type
_chem_comp.name
_chem_comp.formula
NAG D-saccharide, beta linking 2-acetamido-2-deoxy-beta-D-glucopyranose 'C8 H15 N O6'
#
# COMPACT_ATOMS: atom_id res chain seq x y z
N PRO A 1 -25.13 -21.34 24.60
CA PRO A 1 -24.17 -21.17 23.48
C PRO A 1 -22.95 -20.15 23.72
N SER A 2 -22.25 -20.21 24.86
CA SER A 2 -21.69 -18.96 25.39
C SER A 2 -20.32 -18.43 24.88
N CYS A 3 -19.36 -19.29 24.61
CA CYS A 3 -18.02 -18.88 24.16
C CYS A 3 -17.54 -20.07 23.30
N PRO A 4 -16.92 -19.85 22.09
CA PRO A 4 -16.20 -20.92 21.37
C PRO A 4 -15.27 -21.70 22.25
N MET A 5 -15.10 -22.96 21.91
CA MET A 5 -14.18 -23.83 22.54
C MET A 5 -12.75 -23.25 22.54
N LEU A 6 -12.08 -23.29 23.71
CA LEU A 6 -10.70 -22.87 23.95
C LEU A 6 -10.48 -21.36 23.91
N CYS A 7 -11.50 -20.57 23.65
CA CYS A 7 -11.34 -19.10 23.56
C CYS A 7 -11.76 -18.47 24.90
N THR A 8 -11.64 -17.14 25.04
CA THR A 8 -12.18 -16.33 26.16
C THR A 8 -13.05 -15.24 25.59
N CYS A 9 -14.22 -14.99 26.22
CA CYS A 9 -15.16 -14.02 25.71
C CYS A 9 -15.31 -12.93 26.76
N TYR A 10 -15.61 -11.71 26.33
CA TYR A 10 -15.77 -10.53 27.24
C TYR A 10 -16.98 -9.84 26.75
N SER A 11 -17.68 -9.17 27.66
CA SER A 11 -18.92 -8.53 27.23
C SER A 11 -18.90 -7.00 26.93
N SER A 12 -17.90 -6.24 27.34
CA SER A 12 -17.87 -4.84 26.84
C SER A 12 -16.46 -4.32 26.54
N PRO A 13 -16.17 -4.09 25.27
CA PRO A 13 -17.18 -4.39 24.28
C PRO A 13 -17.22 -5.96 24.01
N PRO A 14 -18.28 -6.46 23.33
CA PRO A 14 -18.37 -7.95 23.04
C PRO A 14 -17.20 -8.49 22.18
N THR A 15 -16.33 -9.28 22.80
CA THR A 15 -15.02 -9.62 22.27
C THR A 15 -14.80 -11.13 22.43
N VAL A 16 -14.27 -11.77 21.41
CA VAL A 16 -13.93 -13.22 21.49
C VAL A 16 -12.46 -13.28 21.20
N SER A 17 -11.70 -13.75 22.17
CA SER A 17 -10.24 -13.90 22.05
C SER A 17 -9.93 -15.34 21.79
N CYS A 18 -9.43 -15.63 20.59
CA CYS A 18 -9.19 -16.99 20.14
C CYS A 18 -7.76 -17.15 19.66
N GLN A 19 -6.90 -16.20 19.99
CA GLN A 19 -5.54 -16.26 19.45
C GLN A 19 -4.72 -17.42 20.00
N ALA A 20 -3.72 -17.88 19.22
CA ALA A 20 -2.66 -18.69 19.72
C ALA A 20 -3.13 -20.06 20.19
N ASN A 21 -4.06 -20.67 19.47
CA ASN A 21 -4.56 -22.01 19.78
C ASN A 21 -4.13 -23.07 18.74
N ASN A 22 -3.34 -22.68 17.73
CA ASN A 22 -3.13 -23.57 16.57
C ASN A 22 -4.42 -24.09 15.90
N PHE A 23 -5.52 -23.36 15.97
CA PHE A 23 -6.72 -23.72 15.22
C PHE A 23 -6.41 -23.93 13.72
N SER A 24 -7.03 -24.96 13.14
CA SER A 24 -7.02 -25.13 11.75
C SER A 24 -8.26 -24.53 11.12
N SER A 25 -9.30 -24.21 11.88
CA SER A 25 -10.41 -23.49 11.25
C SER A 25 -10.92 -22.46 12.25
N VAL A 26 -11.79 -21.56 11.72
CA VAL A 26 -12.46 -20.60 12.58
C VAL A 26 -13.41 -21.40 13.50
N PRO A 27 -13.37 -21.11 14.83
CA PRO A 27 -14.16 -21.84 15.79
C PRO A 27 -15.63 -21.68 15.51
N LEU A 28 -16.44 -22.68 15.89
CA LEU A 28 -17.91 -22.59 15.78
C LEU A 28 -18.52 -21.87 17.02
N SER A 29 -19.79 -21.46 16.94
CA SER A 29 -20.50 -20.88 18.11
C SER A 29 -20.00 -19.48 18.40
N LEU A 30 -19.69 -18.66 17.39
CA LEU A 30 -19.24 -17.30 17.68
C LEU A 30 -20.53 -16.60 18.16
N PRO A 31 -20.56 -15.96 19.33
CA PRO A 31 -21.81 -15.20 19.65
C PRO A 31 -22.13 -14.11 18.60
N PRO A 32 -23.40 -14.03 18.17
CA PRO A 32 -23.76 -13.06 17.12
C PRO A 32 -23.53 -11.61 17.53
N SER A 33 -23.53 -11.28 18.82
CA SER A 33 -23.27 -9.91 19.22
C SER A 33 -21.78 -9.51 19.09
N THR A 34 -20.87 -10.47 18.84
CA THR A 34 -19.41 -10.20 18.78
C THR A 34 -19.07 -9.04 17.90
N GLN A 35 -18.30 -8.13 18.51
CA GLN A 35 -17.81 -6.98 17.81
C GLN A 35 -16.33 -7.09 17.52
N ARG A 36 -15.59 -7.85 18.32
CA ARG A 36 -14.18 -7.89 18.05
C ARG A 36 -13.75 -9.34 18.08
N LEU A 37 -13.04 -9.81 17.05
CA LEU A 37 -12.78 -11.25 16.96
C LEU A 37 -11.28 -11.37 16.68
N PHE A 38 -10.56 -11.97 17.65
CA PHE A 38 -9.14 -12.06 17.62
C PHE A 38 -8.75 -13.51 17.33
N LEU A 39 -8.36 -13.74 16.08
CA LEU A 39 -7.97 -15.11 15.63
C LEU A 39 -6.54 -15.19 15.14
N GLN A 40 -5.76 -14.17 15.42
CA GLN A 40 -4.35 -14.20 15.00
C GLN A 40 -3.55 -15.33 15.66
N ASN A 41 -2.46 -15.75 15.01
CA ASN A 41 -1.56 -16.75 15.55
C ASN A 41 -2.22 -18.07 15.69
N ASN A 42 -2.99 -18.46 14.69
CA ASN A 42 -3.52 -19.80 14.61
C ASN A 42 -2.94 -20.44 13.34
N LEU A 43 -3.54 -21.53 12.85
CA LEU A 43 -3.07 -22.17 11.60
C LEU A 43 -4.23 -22.35 10.67
N ILE A 44 -5.11 -21.38 10.63
CA ILE A 44 -6.32 -21.54 9.87
C ILE A 44 -5.98 -21.47 8.39
N ARG A 45 -6.59 -22.33 7.61
CA ARG A 45 -6.19 -22.52 6.19
C ARG A 45 -7.15 -21.98 5.20
N SER A 46 -8.43 -21.99 5.55
CA SER A 46 -9.36 -21.27 4.59
C SER A 46 -10.53 -20.59 5.28
N LEU A 47 -11.16 -19.66 4.58
CA LEU A 47 -12.35 -19.01 5.13
C LEU A 47 -13.48 -19.24 4.19
N ARG A 48 -14.70 -19.33 4.75
CA ARG A 48 -15.90 -19.52 3.95
C ARG A 48 -17.00 -18.63 4.41
N PRO A 49 -18.02 -18.38 3.54
CA PRO A 49 -19.23 -17.67 3.97
C PRO A 49 -19.93 -18.49 5.02
N GLY A 50 -20.79 -17.84 5.84
CA GLY A 50 -21.52 -18.50 6.93
C GLY A 50 -20.68 -18.67 8.21
N THR A 51 -19.49 -18.05 8.26
CA THR A 51 -18.54 -18.27 9.32
C THR A 51 -18.56 -17.12 10.31
N PHE A 52 -18.60 -15.89 9.80
CA PHE A 52 -18.41 -14.67 10.64
C PHE A 52 -19.79 -14.03 10.83
N GLY A 53 -20.04 -13.35 11.96
CA GLY A 53 -21.39 -12.85 12.24
C GLY A 53 -21.43 -11.38 11.82
N PRO A 54 -22.64 -10.81 11.69
CA PRO A 54 -22.74 -9.48 11.01
C PRO A 54 -22.36 -8.28 11.86
N ASN A 55 -22.13 -8.47 13.16
CA ASN A 55 -21.78 -7.34 14.01
C ASN A 55 -20.31 -7.02 14.12
N LEU A 56 -19.42 -7.78 13.47
CA LEU A 56 -17.99 -7.59 13.69
C LEU A 56 -17.61 -6.17 13.28
N LEU A 57 -16.78 -5.53 14.09
CA LEU A 57 -16.13 -4.26 13.74
C LEU A 57 -14.65 -4.49 13.44
N THR A 58 -14.04 -5.45 14.20
CA THR A 58 -12.62 -5.71 14.10
C THR A 58 -12.43 -7.24 13.91
N LEU A 59 -11.63 -7.62 12.88
CA LEU A 59 -11.34 -8.99 12.66
C LEU A 59 -9.86 -9.15 12.39
N TRP A 60 -9.18 -9.89 13.27
CA TRP A 60 -7.72 -10.08 13.11
C TRP A 60 -7.44 -11.52 12.77
N LEU A 61 -6.79 -11.71 11.63
CA LEU A 61 -6.51 -13.04 11.08
C LEU A 61 -5.04 -13.16 10.69
N PHE A 62 -4.23 -12.26 11.20
CA PHE A 62 -2.87 -12.27 10.75
C PHE A 62 -2.11 -13.47 11.35
N SER A 63 -1.04 -13.88 10.67
CA SER A 63 -0.19 -15.02 11.07
C SER A 63 -1.05 -16.27 11.25
N ASN A 64 -1.77 -16.56 10.21
CA ASN A 64 -2.44 -17.86 10.20
C ASN A 64 -1.82 -18.67 9.10
N ASN A 65 -2.52 -19.63 8.52
CA ASN A 65 -1.93 -20.20 7.35
C ASN A 65 -2.89 -20.13 6.15
N LEU A 66 -3.50 -18.98 5.90
CA LEU A 66 -4.58 -18.91 4.94
C LEU A 66 -4.03 -19.23 3.53
N SER A 67 -4.68 -20.14 2.80
CA SER A 67 -4.36 -20.28 1.38
C SER A 67 -5.62 -20.02 0.54
N THR A 68 -6.80 -20.12 1.13
CA THR A 68 -7.99 -19.82 0.33
C THR A 68 -9.05 -18.99 1.11
N ILE A 69 -9.51 -17.94 0.50
CA ILE A 69 -10.72 -17.30 1.02
C ILE A 69 -11.83 -17.48 0.00
N TYR A 70 -12.85 -18.24 0.37
CA TYR A 70 -13.91 -18.58 -0.63
C TYR A 70 -14.85 -17.41 -0.90
N PRO A 71 -15.45 -17.38 -2.13
CA PRO A 71 -16.31 -16.26 -2.45
C PRO A 71 -17.41 -16.12 -1.42
N GLY A 72 -17.80 -14.88 -1.12
CA GLY A 72 -18.91 -14.62 -0.18
C GLY A 72 -18.48 -14.52 1.28
N THR A 73 -17.24 -14.89 1.64
CA THR A 73 -16.84 -14.98 3.05
C THR A 73 -17.10 -13.62 3.81
N PHE A 74 -16.78 -12.45 3.19
CA PHE A 74 -16.91 -11.14 3.90
C PHE A 74 -18.14 -10.39 3.52
N ARG A 75 -18.99 -11.04 2.73
CA ARG A 75 -20.06 -10.35 2.02
C ARG A 75 -21.07 -9.64 2.94
N HIS A 76 -21.42 -10.23 4.08
CA HIS A 76 -22.35 -9.61 5.03
C HIS A 76 -21.71 -8.94 6.21
N LEU A 77 -20.45 -8.60 6.13
CA LEU A 77 -19.82 -7.86 7.22
C LEU A 77 -19.88 -6.39 6.94
N GLN A 78 -21.10 -5.89 6.75
CA GLN A 78 -21.29 -4.47 6.39
C GLN A 78 -20.64 -3.52 7.41
N ALA A 79 -20.62 -3.92 8.68
CA ALA A 79 -20.21 -3.03 9.76
C ALA A 79 -18.66 -3.05 9.98
N LEU A 80 -17.99 -4.02 9.32
CA LEU A 80 -16.55 -4.26 9.63
C LEU A 80 -15.68 -3.02 9.37
N GLU A 81 -14.89 -2.62 10.36
CA GLU A 81 -13.98 -1.48 10.22
C GLU A 81 -12.53 -1.82 10.05
N GLU A 82 -12.10 -2.96 10.56
CA GLU A 82 -10.71 -3.32 10.39
C GLU A 82 -10.60 -4.78 10.10
N LEU A 83 -9.78 -5.12 9.10
CA LEU A 83 -9.63 -6.50 8.67
C LEU A 83 -8.10 -6.71 8.53
N ASP A 84 -7.51 -7.61 9.31
CA ASP A 84 -6.08 -7.80 9.23
C ASP A 84 -5.79 -9.19 8.75
N LEU A 85 -5.30 -9.31 7.53
CA LEU A 85 -4.97 -10.65 6.99
C LEU A 85 -3.50 -10.86 6.73
N GLY A 86 -2.69 -10.06 7.39
CA GLY A 86 -1.27 -10.01 7.13
C GLY A 86 -0.60 -11.30 7.50
N ASP A 87 0.56 -11.52 6.91
CA ASP A 87 1.44 -12.62 7.31
C ASP A 87 0.80 -14.01 7.13
N ASN A 88 0.13 -14.22 6.02
CA ASN A 88 -0.38 -15.51 5.57
C ASN A 88 0.37 -15.82 4.25
N ARG A 89 1.54 -16.36 4.45
CA ARG A 89 2.51 -16.46 3.38
C ARG A 89 2.15 -17.36 2.24
N HIS A 90 1.08 -18.17 2.35
CA HIS A 90 0.64 -18.99 1.23
C HIS A 90 -0.61 -18.49 0.68
N LEU A 91 -1.00 -17.30 1.04
CA LEU A 91 -2.33 -16.89 0.58
C LEU A 91 -2.26 -16.66 -0.99
N ARG A 92 -1.27 -15.91 -1.45
CA ARG A 92 -0.95 -15.86 -2.94
C ARG A 92 -1.89 -15.17 -3.95
N SER A 93 -3.20 -15.37 -3.86
CA SER A 93 -4.08 -14.59 -4.77
C SER A 93 -5.40 -14.41 -4.07
N LEU A 94 -6.20 -13.44 -4.51
CA LEU A 94 -7.45 -13.10 -3.92
C LEU A 94 -8.44 -13.11 -5.11
N GLU A 95 -9.66 -13.56 -4.91
CA GLU A 95 -10.65 -13.51 -6.00
C GLU A 95 -11.19 -12.08 -6.08
N PRO A 96 -11.68 -11.65 -7.26
CA PRO A 96 -12.05 -10.25 -7.45
C PRO A 96 -13.03 -9.74 -6.49
N ASP A 97 -13.92 -10.60 -5.99
CA ASP A 97 -14.96 -10.11 -5.09
C ASP A 97 -14.70 -10.22 -3.59
N THR A 98 -13.49 -10.62 -3.20
CA THR A 98 -13.20 -10.84 -1.79
C THR A 98 -13.73 -9.79 -0.84
N PHE A 99 -13.56 -8.50 -1.14
CA PHE A 99 -13.95 -7.42 -0.22
C PHE A 99 -15.33 -6.84 -0.53
N GLN A 100 -16.09 -7.46 -1.47
CA GLN A 100 -17.43 -6.92 -1.76
C GLN A 100 -18.25 -7.02 -0.45
N GLY A 101 -19.01 -5.97 -0.09
CA GLY A 101 -19.68 -5.92 1.20
C GLY A 101 -19.06 -4.96 2.20
N LEU A 102 -17.73 -4.73 2.07
CA LEU A 102 -16.96 -4.08 3.11
C LEU A 102 -16.90 -2.56 2.97
N GLU A 103 -18.05 -1.94 2.88
CA GLU A 103 -18.10 -0.52 2.56
C GLU A 103 -17.73 0.34 3.75
N ARG A 104 -17.72 -0.22 4.96
CA ARG A 104 -17.36 0.60 6.14
C ARG A 104 -15.96 0.37 6.56
N LEU A 105 -15.27 -0.54 5.82
CA LEU A 105 -13.90 -0.82 6.15
C LEU A 105 -12.97 0.37 6.10
N GLN A 106 -12.25 0.55 7.19
CA GLN A 106 -11.28 1.63 7.32
C GLN A 106 -9.80 1.25 7.24
N SER A 107 -9.47 0.05 7.70
CA SER A 107 -8.12 -0.37 7.44
C SER A 107 -8.06 -1.85 7.03
N LEU A 108 -7.13 -2.09 6.11
CA LEU A 108 -7.07 -3.39 5.46
C LEU A 108 -5.63 -3.76 5.36
N HIS A 109 -5.27 -4.87 5.98
CA HIS A 109 -3.85 -5.25 6.09
C HIS A 109 -3.67 -6.49 5.29
N LEU A 110 -2.73 -6.46 4.37
CA LEU A 110 -2.47 -7.57 3.48
C LEU A 110 -0.98 -7.72 3.28
N TYR A 111 -0.19 -7.31 4.27
CA TYR A 111 1.26 -7.40 4.11
C TYR A 111 1.68 -8.88 4.18
N ARG A 112 2.81 -9.19 3.56
CA ARG A 112 3.40 -10.52 3.59
C ARG A 112 2.49 -11.62 3.34
N CYS A 113 1.74 -11.54 2.24
CA CYS A 113 0.90 -12.61 1.80
C CYS A 113 1.41 -13.22 0.46
N GLN A 114 2.61 -12.92 0.03
CA GLN A 114 2.93 -13.50 -1.30
C GLN A 114 2.00 -13.21 -2.49
N LEU A 115 1.27 -12.08 -2.50
CA LEU A 115 0.56 -11.59 -3.65
C LEU A 115 1.58 -11.16 -4.78
N SER A 116 1.42 -11.68 -6.00
CA SER A 116 2.18 -11.24 -7.18
C SER A 116 1.37 -10.29 -8.02
N SER A 117 0.06 -10.41 -7.92
CA SER A 117 -0.82 -9.50 -8.60
C SER A 117 -2.08 -9.43 -7.79
N LEU A 118 -2.91 -8.46 -8.17
CA LEU A 118 -4.22 -8.28 -7.69
C LEU A 118 -5.16 -8.14 -8.85
N PRO A 119 -6.46 -8.57 -8.69
CA PRO A 119 -7.53 -8.33 -9.72
C PRO A 119 -7.72 -6.79 -9.83
N GLY A 120 -7.87 -6.23 -11.03
CA GLY A 120 -7.94 -4.76 -11.16
C GLY A 120 -9.08 -4.12 -10.41
N ASN A 121 -10.12 -4.88 -10.06
CA ASN A 121 -11.28 -4.26 -9.48
C ASN A 121 -11.44 -4.73 -7.99
N ILE A 122 -10.39 -5.29 -7.42
CA ILE A 122 -10.49 -5.88 -6.08
C ILE A 122 -10.84 -4.83 -4.98
N PHE A 123 -10.48 -3.53 -5.14
CA PHE A 123 -10.73 -2.56 -4.08
C PHE A 123 -11.92 -1.69 -4.44
N ARG A 124 -12.79 -2.10 -5.39
CA ARG A 124 -13.92 -1.21 -5.82
C ARG A 124 -14.93 -1.08 -4.68
N GLY A 125 -15.49 0.11 -4.51
CA GLY A 125 -16.55 0.36 -3.56
C GLY A 125 -16.04 0.49 -2.11
N LEU A 126 -14.72 0.38 -1.88
CA LEU A 126 -14.19 0.53 -0.47
C LEU A 126 -14.08 2.03 -0.07
N VAL A 127 -15.24 2.67 -0.04
CA VAL A 127 -15.22 4.13 0.07
C VAL A 127 -14.80 4.60 1.46
N SER A 128 -14.81 3.74 2.50
CA SER A 128 -14.42 4.29 3.84
C SER A 128 -12.95 4.06 4.10
N LEU A 129 -12.31 3.39 3.16
CA LEU A 129 -11.00 2.83 3.49
C LEU A 129 -9.99 4.02 3.75
N GLN A 130 -9.28 3.94 4.86
CA GLN A 130 -8.28 4.94 5.15
C GLN A 130 -6.84 4.43 5.15
N TYR A 131 -6.60 3.14 5.49
CA TYR A 131 -5.23 2.65 5.54
C TYR A 131 -5.22 1.34 4.76
N LEU A 132 -4.21 1.15 3.89
CA LEU A 132 -4.15 -0.08 3.03
C LEU A 132 -2.72 -0.48 3.05
N TYR A 133 -2.47 -1.66 3.58
CA TYR A 133 -1.08 -2.14 3.76
C TYR A 133 -0.85 -3.35 2.86
N LEU A 134 0.01 -3.16 1.88
CA LEU A 134 0.28 -4.16 0.85
C LEU A 134 1.78 -4.39 0.78
N GLN A 135 2.52 -3.90 1.79
CA GLN A 135 3.96 -4.02 1.77
C GLN A 135 4.41 -5.48 1.86
N GLU A 136 5.57 -5.78 1.29
CA GLU A 136 6.26 -7.07 1.41
C GLU A 136 5.53 -8.26 0.90
N ASN A 137 4.87 -8.07 -0.22
CA ASN A 137 4.36 -9.18 -0.96
C ASN A 137 5.36 -9.35 -2.12
N SER A 138 4.87 -9.77 -3.28
CA SER A 138 5.79 -9.79 -4.48
C SER A 138 5.15 -9.11 -5.64
N LEU A 139 4.46 -8.01 -5.41
CA LEU A 139 3.57 -7.48 -6.45
C LEU A 139 4.44 -7.02 -7.64
N LEU A 140 4.02 -7.40 -8.82
CA LEU A 140 4.79 -7.17 -10.03
C LEU A 140 4.33 -5.90 -10.71
N HIS A 141 3.04 -5.57 -10.63
CA HIS A 141 2.53 -4.40 -11.32
C HIS A 141 1.31 -3.96 -10.62
N LEU A 142 0.96 -2.66 -10.74
CA LEU A 142 -0.36 -2.16 -10.27
C LEU A 142 -1.09 -1.55 -11.47
N GLN A 143 -2.35 -1.94 -11.70
CA GLN A 143 -3.03 -1.54 -12.91
C GLN A 143 -3.42 -0.09 -12.72
N ASP A 144 -3.55 0.65 -13.82
CA ASP A 144 -4.33 1.92 -13.74
C ASP A 144 -5.67 1.72 -12.98
N ASP A 145 -6.10 2.73 -12.20
CA ASP A 145 -7.41 2.65 -11.50
C ASP A 145 -7.59 1.56 -10.45
N LEU A 146 -6.53 0.83 -10.13
CA LEU A 146 -6.60 -0.13 -9.01
C LEU A 146 -7.10 0.46 -7.68
N PHE A 147 -6.90 1.77 -7.43
CA PHE A 147 -7.38 2.41 -6.19
C PHE A 147 -8.40 3.44 -6.43
N ALA A 148 -9.13 3.32 -7.56
CA ALA A 148 -9.93 4.47 -7.96
C ALA A 148 -11.11 4.89 -7.09
N ASP A 149 -11.68 4.02 -6.30
CA ASP A 149 -12.77 4.39 -5.44
C ASP A 149 -12.33 4.85 -4.06
N LEU A 150 -11.02 4.88 -3.79
CA LEU A 150 -10.55 5.04 -2.39
C LEU A 150 -10.36 6.54 -2.06
N ALA A 151 -11.44 7.32 -2.16
CA ALA A 151 -11.42 8.76 -2.04
C ALA A 151 -11.03 9.16 -0.61
N ASN A 152 -11.08 8.22 0.36
CA ASN A 152 -10.64 8.55 1.73
C ASN A 152 -9.32 7.95 2.18
N LEU A 153 -8.64 7.25 1.26
CA LEU A 153 -7.42 6.58 1.59
C LEU A 153 -6.37 7.66 2.01
N SER A 154 -5.78 7.42 3.17
CA SER A 154 -4.84 8.39 3.72
C SER A 154 -3.38 7.79 3.63
N HIS A 155 -3.19 6.49 3.95
CA HIS A 155 -1.89 5.83 3.86
C HIS A 155 -1.95 4.61 2.94
N LEU A 156 -0.97 4.49 2.07
CA LEU A 156 -0.88 3.39 1.15
C LEU A 156 0.52 2.92 1.23
N PHE A 157 0.69 1.68 1.69
CA PHE A 157 2.06 1.17 1.88
C PHE A 157 2.33 0.10 0.84
N LEU A 158 3.36 0.34 0.02
CA LEU A 158 3.60 -0.59 -1.13
C LEU A 158 5.05 -0.99 -1.19
N HIS A 159 5.78 -0.73 -0.12
CA HIS A 159 7.18 -1.05 -0.09
C HIS A 159 7.49 -2.48 -0.07
N GLY A 160 8.69 -2.87 -0.54
CA GLY A 160 9.19 -4.24 -0.49
C GLY A 160 8.47 -5.12 -1.52
N ASN A 161 7.95 -4.57 -2.63
CA ASN A 161 7.35 -5.43 -3.61
C ASN A 161 8.28 -5.56 -4.80
N ARG A 162 7.77 -5.88 -6.00
CA ARG A 162 8.67 -5.97 -7.22
C ARG A 162 8.23 -5.00 -8.31
N LEU A 163 7.64 -3.85 -7.94
CA LEU A 163 7.08 -2.93 -8.91
C LEU A 163 8.23 -2.36 -9.78
N ARG A 164 7.97 -2.19 -11.06
CA ARG A 164 8.94 -1.57 -11.96
C ARG A 164 8.50 -0.26 -12.49
N LEU A 165 7.21 -0.06 -12.67
CA LEU A 165 6.76 1.16 -13.35
C LEU A 165 5.59 1.72 -12.59
N LEU A 166 5.39 3.02 -12.61
CA LEU A 166 4.15 3.59 -12.13
C LEU A 166 3.49 4.27 -13.39
N THR A 167 2.32 3.77 -13.81
CA THR A 167 1.70 4.14 -15.10
C THR A 167 0.85 5.35 -14.86
N GLU A 168 0.29 5.89 -15.90
CA GLU A 168 -0.37 7.16 -15.81
C GLU A 168 -1.47 7.28 -14.75
N HIS A 169 -2.34 6.28 -14.64
CA HIS A 169 -3.49 6.36 -13.73
C HIS A 169 -3.41 5.42 -12.56
N VAL A 170 -2.20 4.99 -12.23
CA VAL A 170 -2.06 4.02 -11.14
C VAL A 170 -2.68 4.63 -9.82
N PHE A 171 -2.53 5.93 -9.61
CA PHE A 171 -2.99 6.59 -8.37
C PHE A 171 -4.22 7.45 -8.56
N ARG A 172 -4.94 7.25 -9.67
CA ARG A 172 -6.14 7.95 -9.90
C ARG A 172 -7.14 7.68 -8.77
N GLY A 173 -7.81 8.75 -8.34
CA GLY A 173 -8.85 8.72 -7.34
C GLY A 173 -8.29 8.86 -5.87
N LEU A 174 -6.96 9.06 -5.67
CA LEU A 174 -6.39 9.03 -4.32
C LEU A 174 -6.25 10.48 -3.80
N GLY A 175 -7.29 11.29 -3.92
CA GLY A 175 -7.22 12.74 -3.56
C GLY A 175 -6.99 13.03 -2.08
N SER A 176 -7.22 12.06 -1.19
CA SER A 176 -6.89 12.28 0.22
C SER A 176 -5.57 11.75 0.61
N LEU A 177 -4.82 11.13 -0.34
CA LEU A 177 -3.64 10.39 0.11
C LEU A 177 -2.65 11.32 0.83
N ASP A 178 -2.21 10.90 2.01
CA ASP A 178 -1.23 11.69 2.81
C ASP A 178 0.21 11.09 2.76
N ARG A 179 0.32 9.76 2.78
CA ARG A 179 1.68 9.06 2.82
C ARG A 179 1.65 7.89 1.80
N LEU A 180 2.69 7.79 1.03
CA LEU A 180 2.79 6.78 0.00
C LEU A 180 4.21 6.23 0.08
N LEU A 181 4.33 4.99 0.51
CA LEU A 181 5.66 4.34 0.70
C LEU A 181 5.87 3.31 -0.46
N LEU A 182 6.96 3.48 -1.22
CA LEU A 182 7.22 2.76 -2.46
C LEU A 182 8.64 2.31 -2.39
N HIS A 183 9.32 2.45 -1.24
CA HIS A 183 10.71 2.12 -1.26
C HIS A 183 10.89 0.65 -1.40
N GLY A 184 12.06 0.19 -1.83
CA GLY A 184 12.39 -1.21 -1.79
C GLY A 184 11.64 -1.99 -2.88
N ASN A 185 11.29 -1.31 -3.98
CA ASN A 185 10.73 -1.95 -5.19
C ASN A 185 11.81 -2.11 -6.24
N ARG A 186 11.47 -2.15 -7.54
CA ARG A 186 12.59 -2.02 -8.49
C ARG A 186 12.20 -1.01 -9.47
N LEU A 187 11.74 0.13 -8.98
CA LEU A 187 11.04 1.04 -9.90
C LEU A 187 12.07 1.63 -10.83
N GLN A 188 11.71 1.70 -12.13
CA GLN A 188 12.60 2.26 -13.19
C GLN A 188 11.97 3.44 -13.90
N GLY A 189 10.65 3.56 -13.90
CA GLY A 189 10.06 4.67 -14.52
C GLY A 189 8.83 5.09 -13.81
N VAL A 190 8.66 6.39 -13.75
CA VAL A 190 7.44 6.98 -13.27
C VAL A 190 6.83 7.83 -14.39
N HIS A 191 5.56 7.61 -14.73
CA HIS A 191 4.94 8.34 -15.81
C HIS A 191 4.83 9.77 -15.34
N ARG A 192 5.00 10.70 -16.26
CA ARG A 192 4.89 12.17 -16.00
C ARG A 192 3.69 12.51 -15.17
N ALA A 193 2.57 11.79 -15.38
CA ALA A 193 1.33 12.24 -14.77
C ALA A 193 0.91 11.22 -13.66
N ALA A 194 1.81 10.29 -13.31
CA ALA A 194 1.51 9.29 -12.24
C ALA A 194 1.03 9.89 -10.90
N PHE A 195 1.46 11.12 -10.58
CA PHE A 195 1.10 11.73 -9.25
C PHE A 195 0.05 12.83 -9.40
N HIS A 196 -0.49 12.94 -10.59
CA HIS A 196 -1.58 13.87 -10.82
C HIS A 196 -2.71 13.76 -9.86
N GLY A 197 -3.11 14.86 -9.21
CA GLY A 197 -4.25 14.73 -8.28
C GLY A 197 -3.84 14.37 -6.83
N LEU A 198 -2.55 14.15 -6.57
CA LEU A 198 -2.16 13.77 -5.19
C LEU A 198 -1.82 15.08 -4.40
N SER A 199 -2.79 15.93 -4.31
CA SER A 199 -2.68 17.32 -3.81
C SER A 199 -2.56 17.40 -2.33
N ARG A 200 -2.84 16.29 -1.64
CA ARG A 200 -2.65 16.27 -0.19
C ARG A 200 -1.46 15.45 0.29
N LEU A 201 -0.75 14.83 -0.64
CA LEU A 201 0.34 13.97 -0.28
C LEU A 201 1.50 14.76 0.48
N THR A 202 1.85 14.35 1.70
CA THR A 202 2.95 15.10 2.38
C THR A 202 4.19 14.27 2.50
N ILE A 203 4.06 12.97 2.47
CA ILE A 203 5.26 12.11 2.54
C ILE A 203 5.36 11.09 1.38
N LEU A 204 6.53 10.99 0.77
CA LEU A 204 6.70 10.08 -0.37
C LEU A 204 8.05 9.39 -0.20
N TYR A 205 8.04 8.08 0.01
CA TYR A 205 9.34 7.36 -0.01
C TYR A 205 9.56 6.62 -1.35
N LEU A 206 10.66 6.89 -2.05
CA LEU A 206 11.04 6.16 -3.29
C LEU A 206 12.45 5.56 -3.17
N PHE A 207 12.99 5.50 -1.93
CA PHE A 207 14.38 5.16 -1.78
C PHE A 207 14.52 3.70 -2.05
N ASN A 208 15.77 3.29 -2.41
CA ASN A 208 16.09 1.92 -2.67
C ASN A 208 15.21 1.32 -3.82
N ASN A 209 15.27 1.95 -5.00
CA ASN A 209 14.65 1.48 -6.24
C ASN A 209 15.70 1.52 -7.36
N SER A 210 15.28 1.55 -8.63
CA SER A 210 16.26 1.65 -9.76
C SER A 210 16.04 2.89 -10.62
N LEU A 211 15.77 4.00 -9.97
CA LEU A 211 15.39 5.25 -10.67
C LEU A 211 16.65 5.94 -11.12
N ALA A 212 16.75 6.26 -12.43
CA ALA A 212 17.87 7.11 -12.92
C ALA A 212 17.38 8.55 -12.97
N SER A 213 16.06 8.78 -13.07
CA SER A 213 15.57 10.14 -13.13
C SER A 213 14.08 10.21 -12.75
N LEU A 214 13.54 11.40 -12.54
CA LEU A 214 12.11 11.57 -12.31
C LEU A 214 11.62 12.76 -13.16
N PRO A 215 10.40 12.72 -13.75
CA PRO A 215 9.93 13.87 -14.53
C PRO A 215 9.59 15.08 -13.66
N GLY A 216 9.69 16.29 -14.23
CA GLY A 216 9.32 17.51 -13.54
C GLY A 216 7.87 17.56 -13.17
N GLU A 217 7.00 16.98 -14.03
CA GLU A 217 5.58 17.13 -13.76
C GLU A 217 5.18 16.36 -12.51
N ALA A 218 5.89 15.28 -12.23
CA ALA A 218 5.51 14.42 -11.13
C ALA A 218 5.69 15.17 -9.82
N LEU A 219 6.80 15.89 -9.70
CA LEU A 219 7.07 16.70 -8.46
C LEU A 219 6.13 17.90 -8.37
N ALA A 220 5.89 18.54 -9.53
CA ALA A 220 4.98 19.69 -9.60
C ALA A 220 3.59 19.29 -9.17
N ASP A 221 3.26 18.00 -9.35
CA ASP A 221 1.91 17.51 -9.01
C ASP A 221 1.76 17.20 -7.52
N LEU A 222 2.87 17.36 -6.75
CA LEU A 222 2.76 17.16 -5.29
C LEU A 222 2.84 18.51 -4.51
N PRO A 223 1.87 19.45 -4.70
CA PRO A 223 1.97 20.78 -4.04
C PRO A 223 2.10 20.75 -2.46
N ALA A 224 1.61 19.73 -1.77
CA ALA A 224 1.66 19.69 -0.33
C ALA A 224 2.85 18.87 0.21
N LEU A 225 3.77 18.47 -0.65
CA LEU A 225 4.80 17.58 -0.17
C LEU A 225 5.68 18.26 0.95
N GLU A 226 6.06 17.48 1.94
CA GLU A 226 6.81 17.92 3.11
C GLU A 226 8.13 17.10 3.27
N PHE A 227 8.14 15.81 2.89
CA PHE A 227 9.32 14.94 3.08
C PHE A 227 9.41 13.91 1.97
N LEU A 228 10.52 13.89 1.27
CA LEU A 228 10.68 13.07 0.14
C LEU A 228 11.99 12.28 0.37
N ARG A 229 11.93 10.96 0.28
CA ARG A 229 13.19 10.16 0.31
C ARG A 229 13.49 9.52 -1.07
N LEU A 230 14.75 9.72 -1.53
CA LEU A 230 15.22 9.45 -2.91
C LEU A 230 16.51 8.67 -2.97
N ASN A 231 17.12 8.43 -1.83
CA ASN A 231 18.49 7.84 -1.69
C ASN A 231 18.50 6.35 -2.19
N ALA A 232 19.70 5.77 -2.47
CA ALA A 232 19.90 4.44 -2.92
C ALA A 232 19.07 4.21 -4.22
N ASN A 233 19.20 5.16 -5.17
CA ASN A 233 18.82 4.95 -6.54
C ASN A 233 20.04 5.35 -7.38
N PRO A 234 20.17 4.79 -8.62
CA PRO A 234 21.31 5.11 -9.52
C PRO A 234 20.98 6.42 -10.32
N TRP A 235 20.84 7.55 -9.60
CA TRP A 235 20.53 8.84 -10.23
C TRP A 235 21.52 9.22 -11.33
N ALA A 236 21.00 9.70 -12.48
CA ALA A 236 21.87 10.15 -13.64
C ALA A 236 22.02 11.62 -13.51
N CYS A 237 23.23 12.08 -13.24
CA CYS A 237 23.38 13.54 -13.16
C CYS A 237 23.76 14.20 -14.51
N ASP A 238 22.95 13.94 -15.55
CA ASP A 238 23.19 14.50 -16.84
C ASP A 238 21.94 15.30 -17.18
N CYS A 239 21.61 15.48 -18.46
CA CYS A 239 20.45 16.32 -18.82
C CYS A 239 19.13 15.80 -18.19
N ARG A 240 19.01 14.49 -18.02
CA ARG A 240 17.81 13.94 -17.32
C ARG A 240 17.56 14.53 -15.89
N ALA A 241 18.61 15.04 -15.22
CA ALA A 241 18.52 15.48 -13.83
C ALA A 241 17.89 16.85 -13.75
N ARG A 242 17.85 17.58 -14.86
CA ARG A 242 17.47 18.99 -14.78
C ARG A 242 16.09 19.35 -14.20
N PRO A 243 15.00 18.64 -14.61
CA PRO A 243 13.67 18.94 -14.01
C PRO A 243 13.68 18.69 -12.51
N LEU A 244 14.32 17.63 -12.05
CA LEU A 244 14.42 17.41 -10.57
C LEU A 244 15.26 18.48 -9.87
N TRP A 245 16.44 18.76 -10.43
CA TRP A 245 17.32 19.80 -9.94
C TRP A 245 16.58 21.15 -9.89
N ALA A 246 15.80 21.46 -10.92
CA ALA A 246 15.09 22.76 -10.95
C ALA A 246 14.01 22.82 -9.87
N TRP A 247 13.30 21.69 -9.68
CA TRP A 247 12.33 21.62 -8.62
C TRP A 247 12.98 21.81 -7.26
N PHE A 248 14.17 21.24 -7.04
CA PHE A 248 14.88 21.43 -5.78
C PHE A 248 15.26 22.90 -5.56
N GLN A 249 15.53 23.67 -6.62
CA GLN A 249 15.84 25.10 -6.39
C GLN A 249 14.67 25.83 -5.72
N ARG A 250 13.44 25.42 -5.99
CA ARG A 250 12.31 26.16 -5.50
C ARG A 250 11.61 25.47 -4.32
N ALA A 251 11.85 24.19 -4.04
CA ALA A 251 10.90 23.45 -3.21
C ALA A 251 11.22 23.67 -1.72
N ARG A 252 10.24 23.77 -0.84
CA ARG A 252 10.60 23.74 0.60
C ARG A 252 10.20 22.37 1.24
N VAL A 253 11.06 21.36 1.21
CA VAL A 253 10.63 20.05 1.69
C VAL A 253 11.87 19.50 2.42
N SER A 254 11.78 18.59 3.44
CA SER A 254 12.98 17.82 3.85
C SER A 254 13.22 16.76 2.86
N SER A 255 14.44 16.35 2.78
CA SER A 255 14.80 15.40 1.77
C SER A 255 15.97 14.59 2.25
N SER A 256 16.12 13.40 1.71
CA SER A 256 17.29 12.59 1.79
C SER A 256 18.34 13.20 0.90
N ASP A 257 19.51 12.63 0.88
CA ASP A 257 20.40 12.90 -0.20
C ASP A 257 19.97 12.23 -1.56
N VAL A 258 20.55 12.74 -2.63
CA VAL A 258 20.23 12.36 -3.98
C VAL A 258 21.60 12.29 -4.60
N THR A 259 22.22 11.12 -4.53
CA THR A 259 23.58 10.87 -4.95
C THR A 259 23.69 10.33 -6.39
N CYS A 260 24.47 10.99 -7.26
CA CYS A 260 24.63 10.63 -8.68
C CYS A 260 25.35 9.37 -8.73
N ALA A 261 24.86 8.44 -9.55
CA ALA A 261 25.62 7.25 -9.88
C ALA A 261 26.43 7.43 -11.16
N THR A 262 25.98 8.34 -12.02
CA THR A 262 26.60 8.62 -13.33
C THR A 262 26.30 10.10 -13.65
N PRO A 263 27.09 10.73 -14.55
CA PRO A 263 28.30 10.13 -15.19
C PRO A 263 29.50 10.02 -14.21
N PRO A 264 30.54 9.22 -14.55
CA PRO A 264 31.65 9.04 -13.60
C PRO A 264 32.23 10.35 -12.99
N GLU A 265 32.32 11.44 -13.77
CA GLU A 265 32.85 12.71 -13.28
C GLU A 265 31.95 13.37 -12.27
N ARG A 266 30.74 12.85 -12.06
CA ARG A 266 29.84 13.41 -11.05
C ARG A 266 29.42 12.37 -10.02
N GLN A 267 29.89 11.14 -10.16
CA GLN A 267 29.47 10.06 -9.31
C GLN A 267 29.81 10.50 -7.88
N GLY A 268 28.86 10.41 -6.97
CA GLY A 268 29.16 10.58 -5.54
C GLY A 268 28.73 11.93 -5.06
N ARG A 269 28.51 12.84 -5.98
CA ARG A 269 28.12 14.18 -5.65
C ARG A 269 26.61 14.12 -5.49
N ASP A 270 26.08 15.10 -4.80
CA ASP A 270 24.69 15.25 -4.68
C ASP A 270 24.13 15.98 -5.91
N LEU A 271 23.00 15.51 -6.41
CA LEU A 271 22.34 16.14 -7.57
C LEU A 271 22.10 17.65 -7.39
N ARG A 272 21.89 18.13 -6.16
CA ARG A 272 21.67 19.60 -5.96
C ARG A 272 22.95 20.46 -5.92
N THR A 273 24.12 19.84 -5.90
CA THR A 273 25.34 20.59 -6.06
C THR A 273 25.57 21.04 -7.50
N LEU A 274 24.83 20.50 -8.47
CA LEU A 274 24.99 20.93 -9.86
C LEU A 274 24.58 22.39 -10.01
N ARG A 275 25.14 23.05 -11.02
CA ARG A 275 24.84 24.45 -11.33
C ARG A 275 24.14 24.57 -12.67
N ASP A 276 23.39 25.64 -12.86
CA ASP A 276 22.71 25.97 -14.15
C ASP A 276 23.66 25.76 -15.35
N THR A 277 24.94 25.99 -15.13
CA THR A 277 25.90 25.89 -16.23
C THR A 277 26.24 24.46 -16.57
N ASP A 278 26.06 23.54 -15.62
CA ASP A 278 26.16 22.10 -15.95
C ASP A 278 25.09 21.64 -16.96
N PHE A 279 24.02 22.42 -17.09
CA PHE A 279 22.88 22.08 -17.96
C PHE A 279 22.83 22.94 -19.20
N GLN A 280 23.82 23.80 -19.44
CA GLN A 280 23.66 24.75 -20.54
C GLN A 280 23.62 24.02 -21.95
N ALA A 281 24.33 22.89 -22.12
CA ALA A 281 24.23 22.16 -23.37
C ALA A 281 22.94 21.23 -23.51
N CYS A 282 21.93 21.37 -22.65
CA CYS A 282 20.80 20.46 -22.60
C CYS A 282 19.75 21.02 -23.47
N PRO A 283 19.13 20.16 -24.27
CA PRO A 283 18.04 20.63 -25.14
C PRO A 283 16.93 21.27 -24.32
N PRO A 284 16.28 22.33 -24.84
CA PRO A 284 15.27 22.97 -24.00
C PRO A 284 14.03 22.07 -23.84
N PRO A 285 13.20 22.31 -22.78
CA PRO A 285 12.15 21.38 -22.35
C PRO A 285 11.40 20.63 -23.46
N THR A 286 11.54 19.30 -23.41
CA THR A 286 10.83 18.36 -24.25
C THR A 286 10.50 17.12 -23.42
C1 NAG B . 0.33 -24.13 5.36
C2 NAG B . 0.48 -25.60 5.77
C3 NAG B . 1.27 -26.40 4.71
C4 NAG B . 0.81 -26.07 3.27
C5 NAG B . 0.46 -24.57 3.11
C6 NAG B . -0.09 -24.18 1.73
C7 NAG B . 0.31 -25.82 8.18
C8 NAG B . 1.20 -26.09 9.39
N2 NAG B . 1.06 -25.81 7.07
O3 NAG B . 0.97 -27.78 4.88
O4 NAG B . 1.84 -26.58 2.41
O5 NAG B . -0.45 -24.22 4.15
O6 NAG B . -1.33 -24.84 1.59
O7 NAG B . -0.94 -25.56 8.15
C1 NAG B . 1.35 -27.78 1.74
C2 NAG B . 1.97 -27.93 0.34
C3 NAG B . 1.49 -29.17 -0.41
C4 NAG B . 0.99 -30.35 0.45
C5 NAG B . 0.62 -30.07 1.92
C6 NAG B . 0.82 -31.29 2.83
C7 NAG B . 2.48 -25.76 -0.65
C8 NAG B . 2.01 -24.64 -1.54
N2 NAG B . 1.65 -26.79 -0.51
O3 NAG B . 2.58 -29.57 -1.24
O4 NAG B . -0.13 -30.86 -0.27
O5 NAG B . 1.45 -29.04 2.45
O6 NAG B . 2.15 -31.25 3.41
O7 NAG B . 3.55 -25.74 -0.08
C1 NAG C . 16.28 -2.68 -0.70
C2 NAG C . 16.90 -3.24 0.59
C3 NAG C . 16.91 -4.77 0.66
C4 NAG C . 15.68 -5.43 0.09
C5 NAG C . 15.23 -4.82 -1.23
C6 NAG C . 13.80 -5.21 -1.53
C7 NAG C . 18.85 -1.78 1.09
C8 NAG C . 20.26 -1.49 0.63
N2 NAG C . 18.26 -2.78 0.46
O3 NAG C . 16.86 -5.12 2.03
O4 NAG C . 15.90 -6.85 0.01
O5 NAG C . 15.16 -3.41 -1.19
O6 NAG C . 13.61 -4.88 -2.91
O7 NAG C . 18.26 -1.18 1.98
C1 NAG D . 15.12 -8.80 -1.57
C2 NAG D . 13.73 -9.16 -1.02
C3 NAG D . 13.89 -10.16 0.13
C4 NAG D . 15.29 -10.19 0.78
C5 NAG D . 16.10 -8.88 0.68
C6 NAG D . 17.60 -9.21 0.73
C7 NAG D . 11.72 -7.59 -0.76
C8 NAG D . 10.89 -7.23 0.49
N2 NAG D . 12.99 -8.00 -0.50
O3 NAG D . 13.63 -11.48 -0.39
O4 NAG D . 15.13 -10.56 2.15
O5 NAG D . 15.83 -8.13 -0.52
O6 NAG D . 18.11 -8.94 2.05
O7 NAG D . 11.30 -7.47 -1.93
C1 NAG E . 1.48 -24.48 18.10
C2 NAG E . 1.97 -24.42 19.56
C3 NAG E . 3.48 -24.16 19.73
C4 NAG E . 4.27 -25.15 18.90
C5 NAG E . 3.80 -25.16 17.42
C6 NAG E . 4.38 -26.43 16.75
C7 NAG E . 0.33 -23.25 21.02
C8 NAG E . 0.07 -21.85 21.52
N2 NAG E . 1.38 -23.28 20.21
O3 NAG E . 3.89 -24.20 21.10
O4 NAG E . 5.65 -24.84 19.01
O5 NAG E . 2.36 -25.20 17.23
O6 NAG E . 4.71 -25.84 15.38
O7 NAG E . -0.38 -24.23 21.34
#